data_6UX9
#
_entry.id   6UX9
#
_cell.length_a   44.230
_cell.length_b   88.580
_cell.length_c   105.780
_cell.angle_alpha   90.000
_cell.angle_beta   92.910
_cell.angle_gamma   90.000
#
_symmetry.space_group_name_H-M   'P 1 21 1'
#
loop_
_entity.id
_entity.type
_entity.pdbx_description
1 polymer 'Phosphatidylinositol 5-phosphate 4-kinase type-2 alpha'
2 non-polymer N-[4-(5-{(Z)-[(2E)-2-imino-4-oxo-1,3-thiazolidin-5-ylidene]methyl}pyridin-3-yl)phenyl]methanesulfonamide
3 water water
#
_entity_poly.entity_id   1
_entity_poly.type   'polypeptide(L)'
_entity_poly.pdbx_seq_one_letter_code
;MHHHHHHSSGVDLGTENLYFQSMDPLLSVLMWGVNHSINELSHVQIPVMLMPDDFKAYSKIKVDNHLFNKENMPSHFKFK
EYCPMVFRNLRERFGIDDQDFQNSLTRSAPLPNDSQARSGARFHTSYDKRYIIKTITSEDVAEMHNILKKYHQYIVECHG
ITLLPQFLGMYRLNVDGVEIYVIVTRNVFSHRLSVYRKYDLKGSTVAREASDKEKAKELPTLKDNDFINEGQKIYIDDNN
KKVFLEKLKKDVEFLAQLKLMDYSLLVGIHDVERAEQEEVECEENDNSSPPLAPGEFDPNIDVYGIKCHENSPRKEVYFM
AIIDILTHYDAKKKAAHAAKTVKHGAGAEISTVNPEQYSKRFLDFIGHIL
;
_entity_poly.pdbx_strand_id   A,B
#
# COMPACT_ATOMS: atom_id res chain seq x y z
N ASN A 17 0.63 13.69 7.29
CA ASN A 17 1.28 12.54 6.68
C ASN A 17 1.81 11.60 7.76
N LEU A 18 1.63 10.30 7.56
CA LEU A 18 2.03 9.30 8.54
C LEU A 18 3.31 8.63 8.10
N TYR A 19 4.19 8.34 9.05
CA TYR A 19 5.48 7.71 8.74
C TYR A 19 5.65 6.35 9.40
N PHE A 20 4.75 5.99 10.31
CA PHE A 20 4.76 4.66 10.97
C PHE A 20 5.98 4.47 11.85
N GLN A 21 6.56 5.55 12.33
CA GLN A 21 7.77 5.44 13.11
C GLN A 21 7.52 4.91 14.54
N SER A 22 8.47 4.12 15.03
CA SER A 22 8.37 3.59 16.39
C SER A 22 9.75 3.17 16.84
N MET A 23 10.03 3.32 18.14
CA MET A 23 11.19 2.63 18.68
C MET A 23 11.05 1.09 18.60
N ASP A 24 9.83 0.55 18.54
CA ASP A 24 9.64 -0.90 18.52
C ASP A 24 9.45 -1.30 17.06
N PRO A 25 10.39 -2.00 16.42
CA PRO A 25 10.19 -2.25 14.98
C PRO A 25 8.96 -3.08 14.72
N LEU A 26 8.54 -3.90 15.68
CA LEU A 26 7.32 -4.68 15.43
C LEU A 26 6.11 -3.79 15.31
N LEU A 27 6.06 -2.70 16.08
CA LEU A 27 4.96 -1.75 15.91
C LEU A 27 5.02 -1.04 14.58
N SER A 28 6.22 -0.73 14.10
CA SER A 28 6.29 -0.15 12.78
C SER A 28 5.79 -1.08 11.72
N VAL A 29 6.12 -2.38 11.80
CA VAL A 29 5.66 -3.33 10.81
C VAL A 29 4.14 -3.54 10.92
N LEU A 30 3.61 -3.52 12.14
CA LEU A 30 2.17 -3.65 12.32
C LEU A 30 1.43 -2.48 11.69
N MET A 31 1.91 -1.25 11.98
CA MET A 31 1.21 -0.10 11.40
C MET A 31 1.32 -0.13 9.90
N TRP A 32 2.53 -0.39 9.37
CA TRP A 32 2.73 -0.45 7.92
C TRP A 32 1.78 -1.50 7.31
N GLY A 33 1.72 -2.65 7.99
CA GLY A 33 0.96 -3.80 7.45
C GLY A 33 -0.54 -3.59 7.48
N VAL A 34 -1.06 -2.99 8.56
CA VAL A 34 -2.48 -2.65 8.58
C VAL A 34 -2.81 -1.60 7.52
N ASN A 35 -1.96 -0.56 7.41
CA ASN A 35 -2.13 0.40 6.33
C ASN A 35 -2.17 -0.30 5.00
N HIS A 36 -1.21 -1.22 4.78
CA HIS A 36 -1.11 -1.89 3.47
C HIS A 36 -2.33 -2.78 3.23
N SER A 37 -2.67 -3.56 4.24
CA SER A 37 -3.79 -4.51 4.17
C SER A 37 -5.10 -3.82 3.84
N ILE A 38 -5.41 -2.73 4.55
CA ILE A 38 -6.67 -2.00 4.29
C ILE A 38 -6.67 -1.36 2.91
N ASN A 39 -5.53 -0.74 2.52
CA ASN A 39 -5.52 -0.19 1.17
C ASN A 39 -5.71 -1.29 0.12
N GLU A 40 -5.05 -2.41 0.30
CA GLU A 40 -5.17 -3.48 -0.69
C GLU A 40 -6.63 -3.91 -0.83
N LEU A 41 -7.34 -4.03 0.27
CA LEU A 41 -8.76 -4.46 0.22
C LEU A 41 -9.64 -3.45 -0.47
N SER A 42 -9.22 -2.18 -0.50
CA SER A 42 -9.92 -1.19 -1.30
C SER A 42 -9.85 -1.47 -2.79
N HIS A 43 -8.95 -2.34 -3.24
CA HIS A 43 -8.88 -2.77 -4.63
C HIS A 43 -9.39 -4.21 -4.80
N VAL A 44 -10.23 -4.67 -3.87
CA VAL A 44 -10.82 -6.02 -3.98
C VAL A 44 -12.32 -5.87 -3.77
N GLN A 45 -13.13 -6.33 -4.75
CA GLN A 45 -14.56 -6.16 -4.64
C GLN A 45 -15.13 -6.82 -3.36
N ILE A 46 -16.14 -6.19 -2.79
CA ILE A 46 -16.83 -6.76 -1.63
C ILE A 46 -17.79 -7.84 -2.14
N PRO A 47 -17.62 -9.08 -1.72
CA PRO A 47 -18.44 -10.18 -2.27
C PRO A 47 -19.86 -10.21 -1.72
N VAL A 48 -20.76 -10.87 -2.47
CA VAL A 48 -22.12 -11.08 -1.94
C VAL A 48 -22.09 -11.95 -0.69
N MET A 49 -21.22 -12.96 -0.67
CA MET A 49 -21.13 -13.79 0.50
C MET A 49 -19.73 -14.40 0.54
N LEU A 50 -19.27 -14.69 1.76
CA LEU A 50 -18.01 -15.40 1.89
C LEU A 50 -18.18 -16.83 1.41
N MET A 51 -17.06 -17.40 0.94
CA MET A 51 -17.08 -18.77 0.48
C MET A 51 -16.00 -19.54 1.23
N PRO A 52 -16.04 -20.85 1.17
CA PRO A 52 -15.11 -21.66 1.97
C PRO A 52 -13.66 -21.26 1.75
N ASP A 53 -13.27 -20.94 0.51
CA ASP A 53 -11.86 -20.60 0.28
C ASP A 53 -11.41 -19.35 1.04
N ASP A 54 -12.32 -18.44 1.36
CA ASP A 54 -11.94 -17.24 2.09
C ASP A 54 -11.47 -17.53 3.51
N PHE A 55 -11.88 -18.66 4.08
CA PHE A 55 -11.47 -19.05 5.41
C PHE A 55 -10.17 -19.82 5.43
N LYS A 56 -9.54 -20.07 4.28
CA LYS A 56 -8.19 -20.60 4.28
C LYS A 56 -7.22 -19.69 3.54
N ALA A 57 -7.62 -18.49 3.23
CA ALA A 57 -6.85 -17.57 2.40
C ALA A 57 -5.84 -16.77 3.22
N TYR A 58 -4.87 -16.20 2.55
CA TYR A 58 -3.95 -15.27 3.23
C TYR A 58 -3.29 -14.41 2.17
N SER A 59 -2.65 -13.34 2.65
CA SER A 59 -1.78 -12.55 1.81
C SER A 59 -0.48 -12.38 2.59
N LYS A 60 0.66 -12.69 1.95
CA LYS A 60 1.98 -12.55 2.55
C LYS A 60 2.73 -11.49 1.77
N ILE A 61 3.46 -10.62 2.48
CA ILE A 61 4.27 -9.60 1.84
C ILE A 61 5.64 -9.69 2.48
N LYS A 62 6.70 -9.61 1.67
CA LYS A 62 8.06 -9.57 2.18
C LYS A 62 8.70 -8.32 1.57
N VAL A 63 9.22 -7.47 2.44
CA VAL A 63 9.77 -6.18 2.03
C VAL A 63 11.27 -6.17 2.30
N ASP A 64 12.05 -5.75 1.31
CA ASP A 64 13.52 -5.63 1.45
C ASP A 64 13.88 -4.28 0.85
N ASN A 65 14.09 -3.28 1.70
CA ASN A 65 14.55 -1.96 1.25
C ASN A 65 16.04 -1.84 1.45
N HIS A 66 16.71 -1.19 0.51
CA HIS A 66 18.13 -0.94 0.61
C HIS A 66 18.32 0.56 0.53
N LEU A 67 18.84 1.16 1.61
CA LEU A 67 19.17 2.58 1.60
C LEU A 67 17.94 3.46 1.33
N PHE A 68 16.78 3.02 1.78
CA PHE A 68 15.54 3.71 1.49
C PHE A 68 14.62 3.74 2.69
N ASN A 69 14.14 4.95 3.02
CA ASN A 69 13.18 5.10 4.13
C ASN A 69 13.74 4.48 5.39
N LYS A 70 15.00 4.74 5.61
CA LYS A 70 15.66 3.85 6.51
C LYS A 70 15.61 4.40 7.92
N GLU A 71 15.09 5.63 8.10
CA GLU A 71 14.89 6.11 9.46
C GLU A 71 13.46 5.94 9.97
N ASN A 72 12.48 5.72 9.09
CA ASN A 72 11.11 5.49 9.52
C ASN A 72 10.82 4.01 9.70
N MET A 73 11.37 3.15 8.86
CA MET A 73 10.94 1.75 8.81
C MET A 73 12.15 0.81 8.87
N PRO A 74 11.98 -0.34 9.49
CA PRO A 74 12.97 -1.42 9.30
C PRO A 74 13.10 -1.73 7.82
N SER A 75 14.32 -2.14 7.44
CA SER A 75 14.61 -2.37 6.04
C SER A 75 14.14 -3.72 5.52
N HIS A 76 13.98 -4.72 6.40
CA HIS A 76 13.68 -6.07 5.97
C HIS A 76 12.61 -6.57 6.89
N PHE A 77 11.44 -6.89 6.34
CA PHE A 77 10.41 -7.46 7.20
C PHE A 77 9.42 -8.24 6.35
N LYS A 78 8.53 -8.97 7.04
CA LYS A 78 7.43 -9.72 6.41
C LYS A 78 6.15 -9.46 7.18
N PHE A 79 5.03 -9.46 6.45
CA PHE A 79 3.75 -9.18 7.06
C PHE A 79 2.77 -10.13 6.39
N LYS A 80 2.03 -10.90 7.18
CA LYS A 80 1.06 -11.85 6.62
C LYS A 80 -0.29 -11.57 7.26
N GLU A 81 -1.33 -11.48 6.43
CA GLU A 81 -2.70 -11.28 6.93
C GLU A 81 -3.51 -12.55 6.65
N TYR A 82 -4.05 -13.13 7.68
CA TYR A 82 -4.90 -14.32 7.52
C TYR A 82 -6.31 -13.93 7.13
N CYS A 83 -6.90 -14.73 6.20
CA CYS A 83 -8.32 -14.62 5.85
C CYS A 83 -8.79 -13.19 5.73
N PRO A 84 -8.11 -12.35 4.91
CA PRO A 84 -8.48 -10.93 4.85
C PRO A 84 -9.95 -10.67 4.51
N MET A 85 -10.55 -11.46 3.60
CA MET A 85 -11.95 -11.21 3.26
C MET A 85 -12.85 -11.47 4.47
N VAL A 86 -12.55 -12.48 5.26
CA VAL A 86 -13.41 -12.78 6.41
C VAL A 86 -13.36 -11.67 7.44
N PHE A 87 -12.11 -11.25 7.79
CA PHE A 87 -12.04 -10.21 8.81
C PHE A 87 -12.58 -8.88 8.32
N ARG A 88 -12.49 -8.60 7.02
CA ARG A 88 -13.17 -7.39 6.52
C ARG A 88 -14.66 -7.50 6.73
N ASN A 89 -15.25 -8.67 6.41
CA ASN A 89 -16.68 -8.78 6.62
C ASN A 89 -17.02 -8.70 8.10
N LEU A 90 -16.20 -9.29 8.98
CA LEU A 90 -16.46 -9.17 10.43
C LEU A 90 -16.42 -7.71 10.87
N ARG A 91 -15.43 -6.92 10.34
CA ARG A 91 -15.44 -5.52 10.72
C ARG A 91 -16.77 -4.88 10.36
N GLU A 92 -17.27 -5.19 9.16
CA GLU A 92 -18.54 -4.59 8.76
C GLU A 92 -19.67 -5.04 9.68
N ARG A 93 -19.68 -6.32 10.03
CA ARG A 93 -20.77 -6.79 10.89
C ARG A 93 -20.70 -6.21 12.28
N PHE A 94 -19.50 -5.78 12.70
CA PHE A 94 -19.33 -5.16 14.00
C PHE A 94 -19.46 -3.66 13.94
N GLY A 95 -19.83 -3.11 12.77
CA GLY A 95 -20.06 -1.69 12.63
C GLY A 95 -18.80 -0.86 12.50
N ILE A 96 -17.69 -1.46 12.08
CA ILE A 96 -16.42 -0.78 12.03
C ILE A 96 -16.08 -0.47 10.56
N ASP A 97 -15.93 0.81 10.23
CA ASP A 97 -15.53 1.21 8.89
C ASP A 97 -14.03 0.99 8.70
N ASP A 98 -13.65 0.43 7.54
CA ASP A 98 -12.26 0.05 7.30
C ASP A 98 -11.33 1.26 7.39
N GLN A 99 -11.75 2.43 6.86
CA GLN A 99 -10.82 3.60 6.95
C GLN A 99 -10.65 4.07 8.39
N ASP A 100 -11.72 4.01 9.19
CA ASP A 100 -11.60 4.35 10.61
C ASP A 100 -10.67 3.38 11.31
N PHE A 101 -10.83 2.08 11.02
CA PHE A 101 -9.97 1.05 11.60
C PHE A 101 -8.52 1.29 11.25
N GLN A 102 -8.25 1.51 9.95
CA GLN A 102 -6.91 1.85 9.49
C GLN A 102 -6.35 3.05 10.23
N ASN A 103 -7.16 4.12 10.36
CA ASN A 103 -6.67 5.34 11.05
C ASN A 103 -6.39 5.04 12.54
N SER A 104 -7.26 4.25 13.20
CA SER A 104 -7.05 4.00 14.63
C SER A 104 -5.76 3.24 14.90
N LEU A 105 -5.35 2.41 13.95
CA LEU A 105 -4.20 1.55 14.12
C LEU A 105 -2.90 2.17 13.57
N THR A 106 -2.97 3.26 12.80
CA THR A 106 -1.78 3.79 12.15
C THR A 106 -1.55 5.27 12.39
N ARG A 107 -2.53 6.04 12.88
CA ARG A 107 -2.35 7.51 13.00
C ARG A 107 -1.27 7.88 14.02
N SER A 108 -1.16 7.07 15.06
CA SER A 108 -0.16 7.17 16.12
C SER A 108 0.03 5.75 16.61
N ALA A 109 1.21 5.44 17.17
CA ALA A 109 1.53 4.05 17.48
C ALA A 109 0.61 3.51 18.58
N PRO A 110 0.21 2.25 18.49
CA PRO A 110 -0.41 1.61 19.66
C PRO A 110 0.51 1.65 20.90
N LEU A 111 -0.13 1.69 22.09
CA LEU A 111 0.62 1.79 23.36
C LEU A 111 0.65 0.44 24.09
N PRO A 112 1.81 0.07 24.60
CA PRO A 112 1.88 -1.18 25.39
C PRO A 112 1.14 -1.08 26.72
N ASN A 113 0.53 -2.19 27.14
CA ASN A 113 -0.11 -2.26 28.45
C ASN A 113 0.80 -2.76 29.57
N ASP A 114 2.09 -2.51 29.53
CA ASP A 114 3.00 -3.07 30.57
C ASP A 114 3.20 -4.58 30.45
N GLY A 120 4.88 -12.63 27.35
CA GLY A 120 4.18 -13.52 26.44
C GLY A 120 2.74 -13.12 26.18
N ALA A 121 2.00 -12.84 27.26
CA ALA A 121 0.60 -12.41 27.15
C ALA A 121 0.52 -10.88 27.16
N ARG A 122 1.25 -10.28 26.22
CA ARG A 122 1.35 -8.85 26.04
C ARG A 122 0.16 -8.32 25.25
N PHE A 123 -0.26 -7.10 25.58
CA PHE A 123 -1.18 -6.44 24.66
C PHE A 123 -0.82 -4.97 24.48
N HIS A 124 -1.26 -4.44 23.34
CA HIS A 124 -1.20 -3.01 23.03
C HIS A 124 -2.62 -2.54 22.80
N THR A 125 -2.81 -1.25 23.01
CA THR A 125 -4.08 -0.60 22.77
C THR A 125 -3.87 0.42 21.66
N SER A 126 -4.82 0.52 20.75
CA SER A 126 -4.69 1.58 19.75
C SER A 126 -4.66 2.95 20.43
N TYR A 127 -4.08 3.91 19.71
CA TYR A 127 -3.84 5.18 20.37
C TYR A 127 -5.14 5.84 20.80
N ASP A 128 -6.26 5.54 20.11
CA ASP A 128 -7.53 6.11 20.47
C ASP A 128 -8.35 5.17 21.37
N LYS A 129 -7.73 4.10 21.85
CA LYS A 129 -8.27 3.20 22.88
C LYS A 129 -9.49 2.44 22.38
N ARG A 130 -9.70 2.39 21.08
CA ARG A 130 -10.83 1.62 20.53
C ARG A 130 -10.54 0.14 20.38
N TYR A 131 -9.29 -0.25 20.11
CA TYR A 131 -8.95 -1.62 19.75
C TYR A 131 -7.77 -2.13 20.55
N ILE A 132 -7.75 -3.45 20.74
CA ILE A 132 -6.70 -4.17 21.44
C ILE A 132 -5.96 -5.03 20.45
N ILE A 133 -4.64 -5.07 20.56
CA ILE A 133 -3.82 -5.95 19.74
C ILE A 133 -3.15 -6.92 20.68
N LYS A 134 -3.53 -8.20 20.58
CA LYS A 134 -3.05 -9.23 21.51
C LYS A 134 -2.04 -10.10 20.78
N THR A 135 -0.88 -10.32 21.39
CA THR A 135 0.10 -11.28 20.86
C THR A 135 -0.40 -12.68 21.21
N ILE A 136 -0.42 -13.61 20.23
CA ILE A 136 -0.96 -14.95 20.44
C ILE A 136 0.03 -15.94 19.88
N THR A 137 -0.18 -17.22 20.15
CA THR A 137 0.77 -18.23 19.68
C THR A 137 0.38 -18.77 18.30
N SER A 138 1.29 -19.56 17.72
CA SER A 138 0.94 -20.25 16.49
C SER A 138 -0.18 -21.26 16.71
N GLU A 139 -0.25 -21.89 17.88
CA GLU A 139 -1.36 -22.80 18.19
C GLU A 139 -2.67 -22.04 18.27
N ASP A 140 -2.62 -20.82 18.82
CA ASP A 140 -3.80 -19.97 18.88
C ASP A 140 -4.26 -19.62 17.48
N VAL A 141 -3.31 -19.31 16.57
CA VAL A 141 -3.67 -19.03 15.17
C VAL A 141 -4.33 -20.27 14.54
N ALA A 142 -3.76 -21.44 14.77
CA ALA A 142 -4.38 -22.66 14.23
C ALA A 142 -5.79 -22.85 14.80
N GLU A 143 -6.00 -22.57 16.10
CA GLU A 143 -7.35 -22.71 16.67
C GLU A 143 -8.33 -21.68 16.11
N MET A 144 -7.86 -20.45 15.87
CA MET A 144 -8.74 -19.47 15.27
C MET A 144 -9.21 -19.96 13.89
N HIS A 145 -8.29 -20.56 13.09
CA HIS A 145 -8.72 -21.07 11.79
C HIS A 145 -9.71 -22.21 11.97
N ASN A 146 -9.53 -23.02 13.03
CA ASN A 146 -10.43 -24.14 13.23
CA ASN A 146 -10.43 -24.15 13.23
C ASN A 146 -11.84 -23.70 13.57
N ILE A 147 -11.99 -22.52 14.20
CA ILE A 147 -13.33 -22.06 14.58
C ILE A 147 -13.86 -20.94 13.72
N LEU A 148 -13.09 -20.43 12.73
CA LEU A 148 -13.50 -19.18 12.11
C LEU A 148 -14.84 -19.28 11.37
N LYS A 149 -15.10 -20.39 10.66
CA LYS A 149 -16.38 -20.54 9.96
C LYS A 149 -17.53 -20.52 10.95
N LYS A 150 -17.40 -21.29 12.05
CA LYS A 150 -18.47 -21.33 13.03
C LYS A 150 -18.61 -19.99 13.73
N TYR A 151 -17.50 -19.34 14.07
CA TYR A 151 -17.59 -18.02 14.66
C TYR A 151 -18.27 -17.05 13.71
N HIS A 152 -17.86 -17.03 12.44
CA HIS A 152 -18.48 -16.07 11.55
C HIS A 152 -19.99 -16.31 11.45
N GLN A 153 -20.40 -17.59 11.27
CA GLN A 153 -21.83 -17.91 11.23
C GLN A 153 -22.53 -17.51 12.54
N TYR A 154 -21.85 -17.66 13.72
CA TYR A 154 -22.49 -17.24 14.96
C TYR A 154 -22.70 -15.73 15.03
N ILE A 155 -21.69 -14.97 14.60
CA ILE A 155 -21.80 -13.51 14.52
C ILE A 155 -22.92 -13.09 13.57
N VAL A 156 -23.05 -13.79 12.43
CA VAL A 156 -24.21 -13.54 11.54
C VAL A 156 -25.51 -13.75 12.29
N GLU A 157 -25.61 -14.87 13.00
CA GLU A 157 -26.90 -15.16 13.63
C GLU A 157 -27.28 -14.22 14.77
N CYS A 158 -26.31 -13.67 15.52
CA CYS A 158 -26.67 -12.77 16.60
C CYS A 158 -26.62 -11.29 16.17
N HIS A 159 -26.41 -11.04 14.87
CA HIS A 159 -26.26 -9.67 14.34
C HIS A 159 -25.15 -8.91 15.06
N GLY A 160 -24.05 -9.61 15.36
CA GLY A 160 -22.95 -8.96 16.05
C GLY A 160 -23.16 -8.64 17.51
N ILE A 161 -24.31 -8.95 18.11
CA ILE A 161 -24.51 -8.66 19.54
C ILE A 161 -24.11 -9.90 20.34
N THR A 162 -22.95 -9.85 20.98
CA THR A 162 -22.39 -10.98 21.70
C THR A 162 -21.43 -10.44 22.74
N LEU A 163 -21.18 -11.27 23.76
CA LEU A 163 -20.15 -11.00 24.76
C LEU A 163 -18.83 -11.65 24.40
N LEU A 164 -18.77 -12.38 23.30
CA LEU A 164 -17.50 -12.93 22.84
C LEU A 164 -16.59 -11.77 22.39
N PRO A 165 -15.29 -12.02 22.29
CA PRO A 165 -14.41 -11.01 21.66
C PRO A 165 -14.85 -10.81 20.19
N GLN A 166 -14.72 -9.54 19.71
CA GLN A 166 -15.05 -9.15 18.35
C GLN A 166 -13.76 -9.13 17.55
N PHE A 167 -13.49 -10.20 16.80
CA PHE A 167 -12.22 -10.33 16.11
C PHE A 167 -12.22 -9.54 14.80
N LEU A 168 -11.18 -8.71 14.62
CA LEU A 168 -11.15 -7.72 13.57
C LEU A 168 -9.99 -7.88 12.60
N GLY A 169 -8.99 -8.67 12.96
CA GLY A 169 -7.87 -8.88 12.07
C GLY A 169 -6.89 -9.82 12.71
N MET A 170 -6.12 -10.54 11.90
CA MET A 170 -5.17 -11.50 12.44
C MET A 170 -3.95 -11.53 11.55
N TYR A 171 -2.76 -11.31 12.14
CA TYR A 171 -1.54 -11.11 11.37
C TYR A 171 -0.34 -11.87 11.92
N ARG A 172 0.63 -12.10 11.06
CA ARG A 172 1.95 -12.60 11.46
C ARG A 172 2.99 -11.56 11.08
N LEU A 173 3.88 -11.21 12.01
CA LEU A 173 4.91 -10.17 11.76
C LEU A 173 6.29 -10.78 11.91
N ASN A 174 7.22 -10.44 11.00
CA ASN A 174 8.59 -10.88 11.12
C ASN A 174 9.47 -9.65 10.98
N VAL A 175 10.33 -9.38 11.96
CA VAL A 175 11.31 -8.32 11.79
C VAL A 175 12.44 -8.61 12.76
N ASP A 176 13.69 -8.40 12.33
CA ASP A 176 14.83 -8.50 13.25
C ASP A 176 14.92 -9.88 13.91
N GLY A 177 14.64 -10.95 13.16
CA GLY A 177 14.78 -12.28 13.70
C GLY A 177 13.68 -12.69 14.67
N VAL A 178 12.64 -11.89 14.81
CA VAL A 178 11.57 -12.12 15.74
C VAL A 178 10.32 -12.30 14.91
N GLU A 179 9.53 -13.30 15.26
CA GLU A 179 8.29 -13.59 14.56
C GLU A 179 7.19 -13.67 15.60
N ILE A 180 6.11 -12.90 15.42
CA ILE A 180 5.01 -12.93 16.37
C ILE A 180 3.71 -13.00 15.58
N TYR A 181 2.67 -13.50 16.24
CA TYR A 181 1.33 -13.47 15.73
C TYR A 181 0.50 -12.53 16.59
N VAL A 182 -0.42 -11.79 15.97
CA VAL A 182 -1.31 -10.94 16.74
C VAL A 182 -2.75 -11.04 16.24
N ILE A 183 -3.67 -10.73 17.16
CA ILE A 183 -5.08 -10.63 16.78
C ILE A 183 -5.58 -9.32 17.33
N VAL A 184 -6.39 -8.65 16.56
CA VAL A 184 -6.96 -7.34 16.92
C VAL A 184 -8.41 -7.59 17.31
N THR A 185 -8.81 -7.08 18.48
CA THR A 185 -10.21 -7.14 18.91
C THR A 185 -10.69 -5.74 19.26
N ARG A 186 -12.02 -5.60 19.37
CA ARG A 186 -12.55 -4.40 20.00
C ARG A 186 -12.16 -4.40 21.48
N ASN A 187 -11.78 -3.21 22.00
CA ASN A 187 -11.56 -3.03 23.43
C ASN A 187 -12.84 -3.38 24.19
N VAL A 188 -12.71 -4.25 25.20
CA VAL A 188 -13.85 -4.50 26.09
C VAL A 188 -14.16 -3.25 26.89
N PHE A 189 -13.12 -2.47 27.23
CA PHE A 189 -13.33 -1.27 28.02
C PHE A 189 -13.71 -0.08 27.15
N SER A 190 -14.09 1.01 27.80
CA SER A 190 -14.52 2.19 27.06
C SER A 190 -13.32 2.89 26.42
N HIS A 191 -13.55 3.48 25.27
CA HIS A 191 -12.50 4.27 24.63
C HIS A 191 -12.35 5.61 25.31
N ARG A 192 -13.27 5.95 26.23
CA ARG A 192 -13.23 7.23 26.93
C ARG A 192 -13.25 7.15 28.46
N LEU A 193 -14.15 6.34 29.03
CA LEU A 193 -14.31 6.29 30.46
C LEU A 193 -13.22 5.41 31.07
N SER A 194 -12.50 5.95 32.06
CA SER A 194 -11.41 5.19 32.66
C SER A 194 -11.95 4.08 33.56
N VAL A 195 -11.19 3.00 33.64
CA VAL A 195 -11.51 1.84 34.48
C VAL A 195 -10.61 1.87 35.72
N TYR A 196 -11.20 1.85 36.91
CA TYR A 196 -10.40 1.92 38.12
C TYR A 196 -10.18 0.59 38.83
N ARG A 197 -10.92 -0.46 38.47
CA ARG A 197 -10.83 -1.78 39.09
C ARG A 197 -11.11 -2.77 37.97
N LYS A 198 -10.33 -3.85 37.92
CA LYS A 198 -10.42 -4.83 36.84
C LYS A 198 -10.41 -6.23 37.42
N TYR A 199 -11.26 -7.13 36.91
CA TYR A 199 -11.25 -8.52 37.34
C TYR A 199 -11.25 -9.45 36.12
N ASP A 200 -10.64 -10.61 36.34
CA ASP A 200 -10.60 -11.71 35.39
C ASP A 200 -11.20 -12.91 36.14
N LEU A 201 -12.39 -13.35 35.71
CA LEU A 201 -13.17 -14.34 36.45
C LEU A 201 -13.29 -15.64 35.69
N LYS A 202 -13.09 -16.77 36.39
CA LYS A 202 -13.20 -18.06 35.70
C LYS A 202 -14.22 -19.01 36.28
N GLY A 203 -14.54 -18.86 37.56
CA GLY A 203 -15.33 -19.87 38.25
C GLY A 203 -14.53 -21.01 38.82
N SER A 204 -13.30 -21.19 38.36
CA SER A 204 -12.39 -22.09 39.06
C SER A 204 -12.06 -21.50 40.42
N THR A 205 -11.82 -22.39 41.37
CA THR A 205 -11.57 -22.00 42.74
C THR A 205 -10.28 -22.68 43.19
N VAL A 206 -9.18 -22.44 42.45
CA VAL A 206 -7.94 -23.08 42.83
C VAL A 206 -6.86 -22.07 43.17
N ALA A 207 -6.31 -21.40 42.16
CA ALA A 207 -5.21 -20.44 42.33
C ALA A 207 -5.62 -19.08 41.81
N ARG A 208 -6.86 -18.69 42.09
CA ARG A 208 -7.45 -17.53 41.45
C ARG A 208 -7.38 -16.35 42.41
N GLU A 209 -6.17 -15.81 42.55
CA GLU A 209 -5.99 -14.62 43.37
C GLU A 209 -4.79 -13.89 42.80
N ALA A 210 -4.92 -12.58 42.65
CA ALA A 210 -3.77 -11.77 42.24
C ALA A 210 -2.60 -11.93 43.21
N SER A 211 -1.40 -12.00 42.63
CA SER A 211 -0.12 -11.95 43.33
C SER A 211 0.05 -10.65 44.11
N ASP A 212 0.96 -10.65 45.07
CA ASP A 212 1.24 -9.38 45.71
C ASP A 212 2.00 -8.47 44.76
N LYS A 213 2.78 -9.05 43.83
CA LYS A 213 3.38 -8.27 42.75
C LYS A 213 2.31 -7.62 41.88
N GLU A 214 1.33 -8.40 41.45
CA GLU A 214 0.27 -7.79 40.64
C GLU A 214 -0.47 -6.70 41.41
N LYS A 215 -0.67 -6.89 42.71
CA LYS A 215 -1.51 -5.97 43.49
C LYS A 215 -0.76 -4.71 43.84
N ALA A 216 0.53 -4.66 43.51
CA ALA A 216 1.37 -3.50 43.64
C ALA A 216 1.31 -2.57 42.45
N LYS A 217 0.90 -3.06 41.27
CA LYS A 217 0.64 -2.13 40.18
C LYS A 217 -0.49 -1.23 40.63
N GLU A 218 -0.69 -0.10 39.96
CA GLU A 218 -1.88 0.58 40.44
C GLU A 218 -3.07 0.43 39.51
N LEU A 219 -3.02 -0.42 38.50
CA LEU A 219 -4.23 -1.08 38.03
C LEU A 219 -3.97 -2.59 37.93
N PRO A 220 -4.16 -3.30 39.02
CA PRO A 220 -4.00 -4.76 38.95
C PRO A 220 -5.21 -5.41 38.29
N THR A 221 -4.96 -6.63 37.83
CA THR A 221 -6.00 -7.53 37.36
C THR A 221 -6.28 -8.43 38.55
N LEU A 222 -7.42 -8.23 39.20
CA LEU A 222 -7.82 -9.08 40.30
C LEU A 222 -8.54 -10.32 39.74
N LYS A 223 -8.65 -11.35 40.58
CA LYS A 223 -9.20 -12.65 40.14
C LYS A 223 -10.37 -13.07 41.05
N ASP A 224 -10.89 -14.29 40.82
CA ASP A 224 -12.12 -14.74 41.49
C ASP A 224 -12.09 -14.55 43.01
N ASN A 225 -11.09 -15.09 43.69
CA ASN A 225 -11.11 -14.97 45.14
C ASN A 225 -10.96 -13.51 45.63
N ASP A 226 -10.34 -12.64 44.82
CA ASP A 226 -10.29 -11.21 45.17
C ASP A 226 -11.66 -10.55 45.06
N PHE A 227 -12.41 -10.87 43.99
CA PHE A 227 -13.77 -10.38 43.84
C PHE A 227 -14.62 -10.76 45.07
N ILE A 228 -14.53 -12.01 45.52
CA ILE A 228 -15.27 -12.40 46.73
C ILE A 228 -14.76 -11.64 47.96
N ASN A 229 -13.47 -11.80 48.25
CA ASN A 229 -12.95 -11.37 49.52
C ASN A 229 -13.03 -9.86 49.70
N GLU A 230 -12.94 -9.10 48.59
CA GLU A 230 -12.98 -7.65 48.72
C GLU A 230 -14.39 -7.11 48.67
N GLY A 231 -15.41 -7.99 48.67
CA GLY A 231 -16.77 -7.54 48.77
C GLY A 231 -17.28 -6.87 47.52
N GLN A 232 -16.72 -7.21 46.36
CA GLN A 232 -17.14 -6.55 45.14
C GLN A 232 -18.59 -6.87 44.80
N LYS A 233 -19.35 -5.84 44.50
CA LYS A 233 -20.70 -6.01 43.99
C LYS A 233 -20.80 -5.36 42.62
N ILE A 234 -21.74 -5.87 41.82
CA ILE A 234 -22.09 -5.29 40.52
CA ILE A 234 -22.09 -5.31 40.52
C ILE A 234 -23.56 -4.93 40.59
N TYR A 235 -23.86 -3.64 40.61
CA TYR A 235 -25.23 -3.17 40.85
C TYR A 235 -25.89 -2.93 39.50
N ILE A 236 -26.53 -3.96 38.93
CA ILE A 236 -27.26 -3.75 37.68
C ILE A 236 -28.71 -4.18 37.91
N ASP A 237 -29.61 -3.55 37.19
CA ASP A 237 -31.00 -3.85 37.50
C ASP A 237 -31.36 -5.24 36.93
N ASP A 238 -32.56 -5.71 37.32
CA ASP A 238 -32.97 -7.05 36.92
C ASP A 238 -33.11 -7.17 35.40
N ASN A 239 -33.64 -6.13 34.73
CA ASN A 239 -33.75 -6.22 33.27
C ASN A 239 -32.39 -6.43 32.62
N ASN A 240 -31.40 -5.62 32.99
CA ASN A 240 -30.09 -5.78 32.39
C ASN A 240 -29.43 -7.07 32.81
N LYS A 241 -29.65 -7.53 34.04
CA LYS A 241 -28.99 -8.76 34.44
C LYS A 241 -29.53 -9.94 33.63
N LYS A 242 -30.84 -9.97 33.41
CA LYS A 242 -31.42 -11.06 32.62
C LYS A 242 -30.90 -11.05 31.20
N VAL A 243 -30.84 -9.86 30.58
CA VAL A 243 -30.34 -9.78 29.22
C VAL A 243 -28.90 -10.24 29.16
N PHE A 244 -28.10 -9.84 30.17
CA PHE A 244 -26.69 -10.18 30.18
C PHE A 244 -26.45 -11.67 30.35
N LEU A 245 -27.15 -12.28 31.31
CA LEU A 245 -26.95 -13.70 31.60
C LEU A 245 -27.49 -14.56 30.46
N GLU A 246 -28.56 -14.10 29.78
N GLU A 246 -28.56 -14.13 29.77
CA GLU A 246 -29.08 -14.77 28.58
CA GLU A 246 -29.04 -14.88 28.61
C GLU A 246 -28.05 -14.81 27.47
C GLU A 246 -28.03 -14.83 27.47
N LYS A 247 -27.43 -13.65 27.22
CA LYS A 247 -26.38 -13.55 26.22
C LYS A 247 -25.18 -14.40 26.59
N LEU A 248 -24.80 -14.36 27.88
CA LEU A 248 -23.66 -15.14 28.35
C LEU A 248 -23.90 -16.62 28.14
N LYS A 249 -25.10 -17.10 28.48
CA LYS A 249 -25.38 -18.51 28.31
C LYS A 249 -25.19 -18.94 26.87
N LYS A 250 -25.77 -18.17 25.93
CA LYS A 250 -25.66 -18.57 24.52
C LYS A 250 -24.20 -18.55 24.06
N ASP A 251 -23.46 -17.49 24.42
CA ASP A 251 -22.04 -17.39 24.05
C ASP A 251 -21.22 -18.55 24.62
N VAL A 252 -21.43 -18.90 25.90
CA VAL A 252 -20.66 -19.99 26.51
C VAL A 252 -21.05 -21.33 25.91
N GLU A 253 -22.33 -21.51 25.59
CA GLU A 253 -22.73 -22.78 25.01
C GLU A 253 -22.08 -22.95 23.64
N PHE A 254 -21.91 -21.83 22.92
CA PHE A 254 -21.19 -21.84 21.65
C PHE A 254 -19.74 -22.29 21.86
N LEU A 255 -19.05 -21.69 22.86
CA LEU A 255 -17.67 -22.07 23.16
C LEU A 255 -17.57 -23.52 23.59
N ALA A 256 -18.48 -23.98 24.47
CA ALA A 256 -18.42 -25.39 24.87
C ALA A 256 -18.60 -26.34 23.68
N GLN A 257 -19.51 -26.03 22.75
CA GLN A 257 -19.68 -26.90 21.57
C GLN A 257 -18.41 -26.99 20.75
N LEU A 258 -17.62 -25.91 20.71
CA LEU A 258 -16.36 -25.94 19.98
C LEU A 258 -15.27 -26.62 20.79
N LYS A 259 -15.60 -27.12 22.00
CA LYS A 259 -14.64 -27.75 22.89
C LYS A 259 -13.59 -26.77 23.42
N LEU A 260 -13.96 -25.52 23.56
CA LEU A 260 -13.10 -24.47 24.11
C LEU A 260 -13.34 -24.36 25.61
N MET A 261 -12.29 -23.96 26.34
CA MET A 261 -12.36 -23.83 27.81
C MET A 261 -11.29 -22.85 28.27
N ASP A 262 -11.23 -22.64 29.58
CA ASP A 262 -10.22 -21.78 30.18
C ASP A 262 -10.34 -20.32 29.76
N TYR A 263 -11.52 -19.89 29.33
CA TYR A 263 -11.84 -18.49 29.09
C TYR A 263 -12.31 -17.79 30.38
N SER A 264 -12.36 -16.46 30.33
CA SER A 264 -12.60 -15.63 31.49
C SER A 264 -13.69 -14.64 31.17
N LEU A 265 -14.34 -14.13 32.23
CA LEU A 265 -15.11 -12.90 32.12
C LEU A 265 -14.20 -11.76 32.57
N LEU A 266 -13.92 -10.83 31.64
CA LEU A 266 -13.19 -9.61 31.99
C LEU A 266 -14.22 -8.62 32.49
N VAL A 267 -13.99 -8.06 33.68
CA VAL A 267 -14.93 -7.11 34.29
C VAL A 267 -14.14 -5.83 34.60
N GLY A 268 -14.55 -4.72 33.99
CA GLY A 268 -13.92 -3.44 34.29
C GLY A 268 -14.98 -2.50 34.89
N ILE A 269 -14.57 -1.76 35.89
CA ILE A 269 -15.49 -0.86 36.59
C ILE A 269 -15.01 0.58 36.47
N HIS A 270 -15.86 1.46 35.90
CA HIS A 270 -15.64 2.90 35.84
C HIS A 270 -16.38 3.57 36.99
N ASP A 271 -15.68 4.40 37.77
CA ASP A 271 -16.29 5.13 38.87
C ASP A 271 -16.62 6.54 38.41
N VAL A 272 -17.91 6.87 38.31
CA VAL A 272 -18.28 8.16 37.73
C VAL A 272 -17.86 9.30 38.65
N GLU A 273 -18.01 9.13 39.96
CA GLU A 273 -17.73 10.25 40.86
C GLU A 273 -16.25 10.38 41.16
N ARG A 274 -15.45 9.37 40.87
CA ARG A 274 -14.04 9.41 41.19
C ARG A 274 -13.18 9.83 40.00
N ALA A 275 -13.71 9.68 38.77
CA ALA A 275 -13.07 10.24 37.58
C ALA A 275 -13.27 11.74 37.50
N GLU A 276 -14.24 12.27 38.25
CA GLU A 276 -14.52 13.69 38.29
C GLU A 276 -13.34 14.47 38.88
N GLN A 277 -12.82 14.02 40.01
CA GLN A 277 -11.69 14.65 40.67
C GLN A 277 -10.37 14.31 39.95
N PRO A 291 -20.74 15.99 23.58
CA PRO A 291 -20.70 16.63 24.90
C PRO A 291 -21.26 15.71 25.98
N LEU A 292 -20.80 14.46 26.01
CA LEU A 292 -21.42 13.45 26.87
C LEU A 292 -21.28 13.82 28.35
N ALA A 293 -22.39 13.73 29.08
CA ALA A 293 -22.37 14.04 30.49
C ALA A 293 -21.67 12.93 31.27
N PRO A 294 -21.29 13.20 32.53
CA PRO A 294 -20.63 12.17 33.34
C PRO A 294 -21.39 10.85 33.34
N GLY A 295 -20.65 9.75 33.18
CA GLY A 295 -21.23 8.43 33.20
C GLY A 295 -21.89 8.02 31.90
N GLU A 296 -22.01 8.92 30.94
CA GLU A 296 -22.64 8.54 29.67
C GLU A 296 -21.59 8.03 28.70
N PHE A 297 -22.01 7.09 27.86
CA PHE A 297 -21.14 6.47 26.88
C PHE A 297 -21.96 6.12 25.65
N ASP A 298 -21.28 6.06 24.49
CA ASP A 298 -21.92 5.74 23.21
C ASP A 298 -22.00 4.22 23.12
N PRO A 299 -23.21 3.66 23.21
CA PRO A 299 -23.35 2.20 23.27
C PRO A 299 -23.02 1.52 21.97
N ASN A 300 -22.88 2.29 20.87
CA ASN A 300 -22.45 1.71 19.61
C ASN A 300 -20.94 1.68 19.48
N ILE A 301 -20.22 2.39 20.33
CA ILE A 301 -18.78 2.29 20.40
C ILE A 301 -18.34 1.45 21.58
N ASP A 302 -18.79 1.80 22.79
CA ASP A 302 -18.51 1.02 24.01
C ASP A 302 -19.62 -0.04 24.14
N VAL A 303 -19.48 -1.10 23.35
CA VAL A 303 -20.60 -2.04 23.18
C VAL A 303 -20.79 -2.97 24.37
N TYR A 304 -19.83 -3.03 25.30
CA TYR A 304 -19.95 -3.88 26.48
C TYR A 304 -20.32 -3.14 27.75
N GLY A 305 -20.59 -1.84 27.67
CA GLY A 305 -20.95 -1.07 28.86
C GLY A 305 -22.40 -1.34 29.31
N ILE A 306 -22.59 -1.38 30.64
CA ILE A 306 -23.88 -1.47 31.30
C ILE A 306 -23.89 -0.48 32.45
N LYS A 307 -24.88 0.40 32.49
CA LYS A 307 -25.00 1.34 33.59
C LYS A 307 -25.49 0.60 34.83
N CYS A 308 -25.03 1.06 36.00
CA CYS A 308 -25.52 0.58 37.29
C CYS A 308 -26.99 0.93 37.54
N HIS A 309 -27.56 0.29 38.56
CA HIS A 309 -28.93 0.64 38.90
CA HIS A 309 -28.92 0.55 39.02
C HIS A 309 -28.96 1.84 39.84
N GLU A 310 -30.13 2.49 39.84
CA GLU A 310 -30.34 3.75 40.56
C GLU A 310 -30.02 3.67 42.04
N ASN A 311 -30.04 2.48 42.64
CA ASN A 311 -29.79 2.29 44.06
C ASN A 311 -28.31 2.00 44.37
N SER A 312 -27.42 2.15 43.40
CA SER A 312 -26.03 1.80 43.63
C SER A 312 -25.38 2.82 44.57
N PRO A 313 -24.51 2.37 45.50
CA PRO A 313 -23.86 3.33 46.42
C PRO A 313 -22.97 4.35 45.72
N ARG A 314 -22.36 3.98 44.57
CA ARG A 314 -21.65 4.94 43.75
C ARG A 314 -22.11 4.81 42.31
N LYS A 315 -22.06 5.91 41.58
CA LYS A 315 -22.43 5.85 40.18
C LYS A 315 -21.27 5.17 39.46
N GLU A 316 -21.56 4.03 38.85
CA GLU A 316 -20.55 3.21 38.21
C GLU A 316 -21.07 2.77 36.86
N VAL A 317 -20.15 2.47 35.95
CA VAL A 317 -20.46 1.81 34.69
C VAL A 317 -19.57 0.57 34.58
N TYR A 318 -20.17 -0.56 34.20
CA TYR A 318 -19.49 -1.85 34.09
C TYR A 318 -19.24 -2.21 32.62
N PHE A 319 -18.09 -2.84 32.34
CA PHE A 319 -17.73 -3.31 30.99
C PHE A 319 -17.37 -4.77 31.12
N MET A 320 -18.16 -5.67 30.51
CA MET A 320 -17.96 -7.08 30.83
C MET A 320 -18.01 -7.85 29.55
N ALA A 321 -17.07 -8.76 29.39
CA ALA A 321 -17.06 -9.55 28.14
C ALA A 321 -16.28 -10.82 28.40
N ILE A 322 -16.43 -11.78 27.51
CA ILE A 322 -15.67 -13.02 27.59
C ILE A 322 -14.34 -12.83 26.86
N ILE A 323 -13.24 -13.27 27.46
CA ILE A 323 -11.91 -13.14 26.84
C ILE A 323 -11.20 -14.50 26.96
N ASP A 324 -10.12 -14.60 26.18
CA ASP A 324 -9.13 -15.68 26.14
C ASP A 324 -9.82 -17.00 25.77
N ILE A 325 -10.38 -17.08 24.56
CA ILE A 325 -11.27 -18.19 24.22
C ILE A 325 -10.58 -19.27 23.37
N LEU A 326 -9.25 -19.20 23.16
CA LEU A 326 -8.69 -20.02 22.08
C LEU A 326 -8.06 -21.33 22.54
N THR A 327 -8.33 -21.79 23.77
CA THR A 327 -7.70 -23.01 24.28
C THR A 327 -8.62 -24.19 24.06
N HIS A 328 -8.17 -25.16 23.27
CA HIS A 328 -8.96 -26.33 22.91
C HIS A 328 -8.77 -27.45 23.94
N TYR A 329 -9.84 -28.22 24.14
CA TYR A 329 -9.89 -29.21 25.21
C TYR A 329 -8.67 -30.13 25.21
N ASP A 330 -8.46 -30.90 24.14
CA ASP A 330 -7.45 -31.94 24.22
C ASP A 330 -6.01 -31.40 24.15
N ALA A 331 -5.84 -30.08 24.05
CA ALA A 331 -4.52 -29.45 24.20
C ALA A 331 -4.21 -29.26 25.69
N THR A 352 -9.41 -33.13 36.54
CA THR A 352 -9.49 -32.17 35.44
C THR A 352 -10.94 -31.98 34.98
N VAL A 353 -11.21 -30.87 34.27
CA VAL A 353 -12.54 -30.50 33.82
C VAL A 353 -12.56 -30.52 32.30
N ASN A 354 -13.69 -30.93 31.73
CA ASN A 354 -13.91 -30.86 30.30
C ASN A 354 -14.72 -29.60 29.95
N PRO A 355 -14.84 -29.29 28.66
CA PRO A 355 -15.49 -28.04 28.26
C PRO A 355 -16.92 -27.91 28.76
N GLU A 356 -17.65 -29.01 28.88
CA GLU A 356 -19.02 -28.95 29.42
C GLU A 356 -19.00 -28.56 30.89
N GLN A 357 -18.19 -29.27 31.69
CA GLN A 357 -18.06 -28.95 33.10
C GLN A 357 -17.51 -27.55 33.30
N TYR A 358 -16.52 -27.15 32.48
CA TYR A 358 -15.99 -25.79 32.62
C TYR A 358 -17.09 -24.75 32.43
N SER A 359 -17.93 -24.92 31.40
CA SER A 359 -18.94 -23.91 31.09
C SER A 359 -19.99 -23.81 32.20
N LYS A 360 -20.42 -24.94 32.76
CA LYS A 360 -21.43 -24.91 33.81
C LYS A 360 -20.88 -24.27 35.07
N ARG A 361 -19.62 -24.57 35.42
CA ARG A 361 -18.97 -23.93 36.57
C ARG A 361 -18.82 -22.42 36.36
N PHE A 362 -18.41 -22.00 35.15
CA PHE A 362 -18.34 -20.59 34.80
C PHE A 362 -19.71 -19.90 34.91
N LEU A 363 -20.73 -20.45 34.26
CA LEU A 363 -22.03 -19.78 34.27
C LEU A 363 -22.60 -19.72 35.70
N ASP A 364 -22.41 -20.79 36.47
CA ASP A 364 -22.87 -20.83 37.85
C ASP A 364 -22.20 -19.73 38.67
N PHE A 365 -20.89 -19.57 38.54
CA PHE A 365 -20.18 -18.57 39.31
C PHE A 365 -20.63 -17.16 38.94
N ILE A 366 -20.67 -16.86 37.64
CA ILE A 366 -21.03 -15.50 37.22
C ILE A 366 -22.47 -15.20 37.66
N GLY A 367 -23.37 -16.18 37.51
CA GLY A 367 -24.74 -16.05 38.01
C GLY A 367 -24.82 -15.74 39.50
N HIS A 368 -23.93 -16.33 40.30
CA HIS A 368 -23.96 -16.10 41.74
C HIS A 368 -23.45 -14.72 42.13
N ILE A 369 -22.46 -14.17 41.40
CA ILE A 369 -21.92 -12.84 41.71
C ILE A 369 -22.69 -11.74 40.97
N LEU A 370 -23.71 -12.09 40.19
CA LEU A 370 -24.63 -11.12 39.53
C LEU A 370 -24.16 -10.44 38.22
N ASN B 17 -13.33 2.82 -7.93
CA ASN B 17 -12.30 1.93 -7.40
C ASN B 17 -11.55 1.24 -8.54
N LEU B 18 -10.22 1.14 -8.39
CA LEU B 18 -9.35 0.55 -9.39
C LEU B 18 -8.95 -0.86 -8.95
N TYR B 19 -8.90 -1.80 -9.90
CA TYR B 19 -8.55 -3.16 -9.56
C TYR B 19 -7.28 -3.66 -10.21
N PHE B 20 -6.69 -2.92 -11.13
CA PHE B 20 -5.45 -3.29 -11.79
C PHE B 20 -5.57 -4.56 -12.64
N GLN B 21 -6.79 -4.90 -13.08
CA GLN B 21 -6.98 -6.11 -13.89
C GLN B 21 -6.40 -5.93 -15.28
N SER B 22 -5.82 -6.99 -15.82
CA SER B 22 -5.30 -6.96 -17.20
C SER B 22 -5.24 -8.40 -17.65
N MET B 23 -5.44 -8.62 -18.96
CA MET B 23 -5.06 -9.91 -19.54
C MET B 23 -3.56 -10.19 -19.40
N ASP B 24 -2.72 -9.16 -19.31
CA ASP B 24 -1.28 -9.34 -19.24
C ASP B 24 -0.84 -9.21 -17.79
N PRO B 25 -0.43 -10.29 -17.11
CA PRO B 25 -0.17 -10.18 -15.66
C PRO B 25 0.96 -9.24 -15.36
N LEU B 26 1.89 -9.08 -16.31
CA LEU B 26 2.96 -8.11 -16.06
C LEU B 26 2.42 -6.69 -16.02
N LEU B 27 1.39 -6.37 -16.83
CA LEU B 27 0.80 -5.03 -16.72
C LEU B 27 0.06 -4.85 -15.40
N SER B 28 -0.62 -5.90 -14.91
CA SER B 28 -1.21 -5.79 -13.60
C SER B 28 -0.14 -5.51 -12.56
N VAL B 29 0.99 -6.18 -12.65
CA VAL B 29 2.00 -5.94 -11.63
C VAL B 29 2.58 -4.52 -11.75
N LEU B 30 2.75 -4.02 -13.00
CA LEU B 30 3.21 -2.63 -13.19
C LEU B 30 2.25 -1.62 -12.57
N MET B 31 0.95 -1.79 -12.86
CA MET B 31 -0.02 -0.86 -12.29
C MET B 31 -0.03 -0.95 -10.78
N TRP B 32 -0.07 -2.19 -10.26
CA TRP B 32 -0.05 -2.37 -8.81
C TRP B 32 1.19 -1.73 -8.21
N GLY B 33 2.33 -1.93 -8.87
CA GLY B 33 3.59 -1.47 -8.33
C GLY B 33 3.71 0.04 -8.35
N VAL B 34 3.27 0.69 -9.43
CA VAL B 34 3.28 2.15 -9.44
C VAL B 34 2.32 2.69 -8.38
N ASN B 35 1.13 2.07 -8.27
CA ASN B 35 0.26 2.46 -7.18
C ASN B 35 0.98 2.34 -5.85
N HIS B 36 1.62 1.19 -5.62
CA HIS B 36 2.29 0.95 -4.34
C HIS B 36 3.44 1.95 -4.10
N SER B 37 4.28 2.12 -5.11
CA SER B 37 5.48 2.99 -5.03
C SER B 37 5.10 4.42 -4.63
N ILE B 38 4.12 4.99 -5.33
CA ILE B 38 3.73 6.37 -5.06
C ILE B 38 3.09 6.47 -3.70
N ASN B 39 2.20 5.53 -3.34
CA ASN B 39 1.65 5.61 -2.00
C ASN B 39 2.74 5.48 -0.92
N GLU B 40 3.70 4.56 -1.12
CA GLU B 40 4.78 4.44 -0.13
C GLU B 40 5.54 5.76 0.01
N LEU B 41 5.83 6.43 -1.10
CA LEU B 41 6.59 7.65 -0.99
C LEU B 41 5.81 8.75 -0.29
N SER B 42 4.47 8.64 -0.26
CA SER B 42 3.69 9.58 0.55
C SER B 42 4.00 9.45 2.05
N HIS B 43 4.62 8.34 2.47
CA HIS B 43 5.01 8.15 3.84
C HIS B 43 6.52 8.31 3.99
N VAL B 44 7.17 9.02 3.06
CA VAL B 44 8.59 9.29 3.18
C VAL B 44 8.81 10.78 2.98
N GLN B 45 9.42 11.44 3.97
CA GLN B 45 9.69 12.86 3.86
C GLN B 45 10.50 13.22 2.61
N ILE B 46 10.15 14.35 2.03
CA ILE B 46 10.88 14.88 0.88
C ILE B 46 12.16 15.50 1.41
N PRO B 47 13.32 15.06 0.97
CA PRO B 47 14.58 15.58 1.52
C PRO B 47 14.93 16.96 0.99
N VAL B 48 15.76 17.66 1.75
CA VAL B 48 16.29 18.93 1.26
C VAL B 48 17.12 18.71 0.01
N MET B 49 17.86 17.60 -0.05
CA MET B 49 18.68 17.36 -1.23
C MET B 49 18.93 15.86 -1.32
N LEU B 50 19.17 15.38 -2.53
CA LEU B 50 19.53 13.98 -2.69
C LEU B 50 20.97 13.76 -2.21
N MET B 51 21.26 12.56 -1.73
CA MET B 51 22.58 12.20 -1.25
C MET B 51 23.06 10.96 -1.99
N PRO B 52 24.35 10.65 -1.90
CA PRO B 52 24.85 9.55 -2.75
C PRO B 52 24.11 8.25 -2.56
N ASP B 53 23.75 7.94 -1.33
CA ASP B 53 23.09 6.66 -1.11
C ASP B 53 21.77 6.58 -1.86
N ASP B 54 21.14 7.71 -2.15
CA ASP B 54 19.85 7.61 -2.84
C ASP B 54 19.99 7.04 -4.26
N PHE B 55 21.18 7.19 -4.85
CA PHE B 55 21.45 6.70 -6.19
C PHE B 55 21.86 5.24 -6.23
N LYS B 56 21.92 4.57 -5.08
CA LYS B 56 22.18 3.14 -4.99
C LYS B 56 21.04 2.42 -4.30
N ALA B 57 19.96 3.14 -4.01
CA ALA B 57 18.87 2.61 -3.17
C ALA B 57 17.84 1.84 -4.02
N TYR B 58 17.04 1.02 -3.34
CA TYR B 58 15.94 0.35 -4.04
C TYR B 58 14.93 -0.09 -3.01
N SER B 59 13.72 -0.34 -3.48
CA SER B 59 12.68 -0.90 -2.64
CA SER B 59 12.71 -0.92 -2.62
C SER B 59 12.19 -2.15 -3.33
N LYS B 60 12.08 -3.27 -2.59
CA LYS B 60 11.67 -4.54 -3.17
C LYS B 60 10.51 -5.08 -2.36
N ILE B 61 9.51 -5.63 -3.04
CA ILE B 61 8.41 -6.26 -2.32
C ILE B 61 8.04 -7.53 -3.07
N LYS B 62 7.78 -8.59 -2.32
CA LYS B 62 7.40 -9.88 -2.89
C LYS B 62 6.04 -10.24 -2.28
N VAL B 63 5.06 -10.53 -3.14
CA VAL B 63 3.69 -10.79 -2.68
C VAL B 63 3.34 -12.23 -2.99
N ASP B 64 2.77 -12.93 -2.02
CA ASP B 64 2.32 -14.30 -2.23
C ASP B 64 0.91 -14.34 -1.67
N ASN B 65 -0.08 -14.31 -2.55
CA ASN B 65 -1.47 -14.39 -2.14
C ASN B 65 -1.90 -15.86 -2.28
N HIS B 66 -2.68 -16.32 -1.33
CA HIS B 66 -3.26 -17.65 -1.38
C HIS B 66 -4.76 -17.48 -1.33
N LEU B 67 -5.45 -17.86 -2.42
CA LEU B 67 -6.92 -17.83 -2.43
C LEU B 67 -7.44 -16.43 -2.11
N PHE B 68 -6.72 -15.42 -2.57
CA PHE B 68 -7.06 -14.05 -2.21
C PHE B 68 -6.81 -13.16 -3.41
N ASN B 69 -7.80 -12.33 -3.74
CA ASN B 69 -7.71 -11.36 -4.85
C ASN B 69 -7.29 -12.04 -6.14
N LYS B 70 -7.89 -13.19 -6.40
CA LYS B 70 -7.37 -14.02 -7.48
C LYS B 70 -8.00 -13.66 -8.81
N GLU B 71 -8.99 -12.78 -8.82
CA GLU B 71 -9.56 -12.40 -10.10
C GLU B 71 -8.95 -11.14 -10.67
N ASN B 72 -8.27 -10.34 -9.85
CA ASN B 72 -7.59 -9.15 -10.35
C ASN B 72 -6.08 -9.33 -10.56
N MET B 73 -5.41 -10.08 -9.69
CA MET B 73 -3.96 -10.05 -9.64
C MET B 73 -3.40 -11.45 -9.70
N PRO B 74 -2.22 -11.62 -10.29
CA PRO B 74 -1.46 -12.86 -10.10
C PRO B 74 -1.25 -13.15 -8.63
N SER B 75 -1.20 -14.45 -8.31
CA SER B 75 -1.09 -14.89 -6.92
C SER B 75 0.33 -14.69 -6.38
N HIS B 76 1.30 -14.66 -7.27
CA HIS B 76 2.72 -14.56 -6.88
C HIS B 76 3.39 -13.55 -7.77
N PHE B 77 3.94 -12.48 -7.17
CA PHE B 77 4.66 -11.54 -8.02
C PHE B 77 5.67 -10.78 -7.17
N LYS B 78 6.57 -10.06 -7.84
CA LYS B 78 7.51 -9.19 -7.13
C LYS B 78 7.65 -7.88 -7.89
N PHE B 79 7.94 -6.83 -7.13
CA PHE B 79 8.04 -5.51 -7.74
C PHE B 79 9.21 -4.81 -7.10
N LYS B 80 10.13 -4.30 -7.92
CA LYS B 80 11.31 -3.65 -7.33
C LYS B 80 11.39 -2.27 -7.98
N GLU B 81 11.61 -1.23 -7.17
CA GLU B 81 11.75 0.13 -7.68
C GLU B 81 13.18 0.58 -7.43
N TYR B 82 13.86 0.99 -8.49
CA TYR B 82 15.23 1.51 -8.37
C TYR B 82 15.22 2.98 -7.95
N CYS B 83 16.16 3.35 -7.03
CA CYS B 83 16.39 4.74 -6.62
C CYS B 83 15.12 5.56 -6.47
N PRO B 84 14.13 5.12 -5.67
CA PRO B 84 12.85 5.85 -5.62
C PRO B 84 12.93 7.32 -5.28
N MET B 85 13.88 7.72 -4.41
CA MET B 85 13.98 9.11 -4.01
C MET B 85 14.44 9.96 -5.21
N VAL B 86 15.29 9.37 -6.05
CA VAL B 86 15.83 10.11 -7.21
C VAL B 86 14.72 10.33 -8.22
N PHE B 87 13.98 9.23 -8.56
CA PHE B 87 12.96 9.43 -9.58
C PHE B 87 11.84 10.31 -9.04
N ARG B 88 11.58 10.28 -7.74
CA ARG B 88 10.59 11.24 -7.27
C ARG B 88 11.06 12.67 -7.51
N ASN B 89 12.33 12.94 -7.20
CA ASN B 89 12.82 14.29 -7.39
C ASN B 89 12.82 14.68 -8.88
N LEU B 90 13.16 13.73 -9.77
CA LEU B 90 13.10 13.99 -11.23
C LEU B 90 11.68 14.28 -11.68
N ARG B 91 10.67 13.53 -11.17
CA ARG B 91 9.30 13.89 -11.52
C ARG B 91 8.98 15.33 -11.12
N GLU B 92 9.43 15.77 -9.94
CA GLU B 92 9.15 17.14 -9.53
C GLU B 92 9.86 18.14 -10.45
N ARG B 93 11.10 17.82 -10.81
CA ARG B 93 11.85 18.74 -11.65
C ARG B 93 11.29 18.80 -13.06
N PHE B 94 10.56 17.76 -13.49
CA PHE B 94 9.94 17.77 -14.80
C PHE B 94 8.51 18.28 -14.73
N GLY B 95 8.10 18.80 -13.57
CA GLY B 95 6.77 19.36 -13.44
C GLY B 95 5.68 18.32 -13.32
N ILE B 96 5.98 17.09 -12.91
CA ILE B 96 4.99 16.00 -12.89
C ILE B 96 4.60 15.76 -11.44
N ASP B 97 3.31 15.91 -11.12
CA ASP B 97 2.80 15.66 -9.78
C ASP B 97 2.66 14.17 -9.55
N ASP B 98 3.08 13.68 -8.36
CA ASP B 98 3.11 12.23 -8.16
C ASP B 98 1.71 11.61 -8.29
N GLN B 99 0.68 12.27 -7.75
CA GLN B 99 -0.69 11.69 -7.82
C GLN B 99 -1.21 11.62 -9.26
N ASP B 100 -0.89 12.62 -10.07
CA ASP B 100 -1.24 12.61 -11.49
C ASP B 100 -0.56 11.46 -12.21
N PHE B 101 0.73 11.30 -11.95
CA PHE B 101 1.55 10.23 -12.53
C PHE B 101 0.96 8.88 -12.15
N GLN B 102 0.67 8.71 -10.86
CA GLN B 102 0.04 7.50 -10.35
C GLN B 102 -1.29 7.24 -11.07
N ASN B 103 -2.11 8.27 -11.19
CA ASN B 103 -3.41 8.16 -11.87
C ASN B 103 -3.24 7.77 -13.34
N SER B 104 -2.24 8.37 -14.03
CA SER B 104 -2.06 8.10 -15.44
C SER B 104 -1.59 6.67 -15.70
N LEU B 105 -0.91 6.05 -14.75
CA LEU B 105 -0.39 4.73 -14.97
C LEU B 105 -1.33 3.65 -14.43
N THR B 106 -2.39 4.03 -13.69
CA THR B 106 -3.19 3.01 -13.05
C THR B 106 -4.69 3.11 -13.29
N ARG B 107 -5.22 4.25 -13.73
CA ARG B 107 -6.67 4.35 -13.80
C ARG B 107 -7.23 3.42 -14.88
N SER B 108 -6.45 3.15 -15.92
CA SER B 108 -6.77 2.19 -16.97
C SER B 108 -5.44 1.68 -17.50
N ALA B 109 -5.43 0.48 -18.04
CA ALA B 109 -4.16 -0.17 -18.35
C ALA B 109 -3.41 0.60 -19.45
N PRO B 110 -2.10 0.63 -19.38
CA PRO B 110 -1.30 1.09 -20.52
C PRO B 110 -1.57 0.21 -21.73
N LEU B 111 -1.46 0.81 -22.92
CA LEU B 111 -1.77 0.11 -24.18
C LEU B 111 -0.50 -0.27 -24.90
N PRO B 112 -0.38 -1.48 -25.44
CA PRO B 112 0.81 -1.83 -26.20
C PRO B 112 0.90 -1.05 -27.50
N ASN B 113 2.15 -0.80 -27.92
CA ASN B 113 2.45 -0.16 -29.21
C ASN B 113 2.28 -1.11 -30.39
N ASP B 114 2.78 -2.33 -30.25
CA ASP B 114 2.78 -3.33 -31.32
C ASP B 114 3.59 -2.81 -32.51
N GLY B 120 11.08 -8.08 -29.26
CA GLY B 120 11.84 -6.90 -29.64
C GLY B 120 11.84 -5.75 -28.64
N ALA B 121 11.75 -4.53 -29.17
CA ALA B 121 11.77 -3.28 -28.40
C ALA B 121 10.34 -2.83 -28.10
N ARG B 122 9.74 -3.47 -27.08
CA ARG B 122 8.35 -3.20 -26.70
C ARG B 122 8.19 -1.84 -26.03
N PHE B 123 7.09 -1.16 -26.38
CA PHE B 123 6.63 0.05 -25.69
C PHE B 123 5.18 -0.12 -25.34
N HIS B 124 4.80 0.47 -24.20
CA HIS B 124 3.39 0.66 -23.86
C HIS B 124 3.26 2.17 -23.65
N THR B 125 2.05 2.68 -23.85
CA THR B 125 1.75 4.09 -23.61
C THR B 125 0.69 4.16 -22.52
N SER B 126 0.83 5.08 -21.58
CA SER B 126 -0.23 5.26 -20.57
C SER B 126 -1.55 5.55 -21.28
N TYR B 127 -2.66 5.28 -20.57
CA TYR B 127 -3.99 5.36 -21.21
C TYR B 127 -4.30 6.78 -21.68
N ASP B 128 -3.69 7.79 -21.04
CA ASP B 128 -3.90 9.19 -21.38
C ASP B 128 -2.79 9.76 -22.26
N LYS B 129 -1.89 8.89 -22.75
CA LYS B 129 -0.85 9.17 -23.74
C LYS B 129 0.17 10.14 -23.22
N ARG B 130 0.24 10.30 -21.90
CA ARG B 130 1.29 11.19 -21.36
C ARG B 130 2.64 10.52 -21.19
N TYR B 131 2.67 9.23 -20.87
CA TYR B 131 3.91 8.57 -20.50
C TYR B 131 4.10 7.31 -21.34
N ILE B 132 5.37 6.94 -21.52
CA ILE B 132 5.82 5.78 -22.28
C ILE B 132 6.50 4.84 -21.29
N ILE B 133 6.23 3.54 -21.41
CA ILE B 133 6.86 2.52 -20.59
C ILE B 133 7.66 1.64 -21.55
N LYS B 134 8.97 1.67 -21.45
CA LYS B 134 9.83 0.92 -22.38
C LYS B 134 10.45 -0.26 -21.65
N THR B 135 10.36 -1.45 -22.24
CA THR B 135 11.10 -2.58 -21.73
C THR B 135 12.59 -2.46 -22.06
N ILE B 136 13.43 -2.69 -21.04
CA ILE B 136 14.88 -2.53 -21.17
C ILE B 136 15.56 -3.77 -20.60
N THR B 137 16.85 -3.90 -20.86
CA THR B 137 17.60 -5.05 -20.40
C THR B 137 18.25 -4.77 -19.04
N SER B 138 18.77 -5.82 -18.41
CA SER B 138 19.52 -5.59 -17.19
C SER B 138 20.77 -4.78 -17.47
N GLU B 139 21.34 -4.92 -18.67
CA GLU B 139 22.49 -4.09 -19.01
C GLU B 139 22.10 -2.62 -19.11
N ASP B 140 20.89 -2.34 -19.62
CA ASP B 140 20.38 -0.97 -19.65
C ASP B 140 20.19 -0.44 -18.23
N VAL B 141 19.67 -1.29 -17.33
CA VAL B 141 19.49 -0.86 -15.94
C VAL B 141 20.85 -0.52 -15.33
N ALA B 142 21.87 -1.33 -15.61
CA ALA B 142 23.21 -1.05 -15.10
C ALA B 142 23.76 0.27 -15.66
N GLU B 143 23.52 0.53 -16.94
CA GLU B 143 23.97 1.78 -17.50
C GLU B 143 23.21 2.96 -16.91
N MET B 144 21.91 2.77 -16.66
CA MET B 144 21.13 3.85 -16.04
C MET B 144 21.71 4.21 -14.67
N HIS B 145 22.06 3.20 -13.86
CA HIS B 145 22.68 3.52 -12.57
C HIS B 145 24.02 4.21 -12.74
N ASN B 146 24.79 3.85 -13.77
CA ASN B 146 26.09 4.46 -14.02
C ASN B 146 25.96 5.95 -14.31
N ILE B 147 24.89 6.37 -14.97
CA ILE B 147 24.77 7.77 -15.36
C ILE B 147 23.84 8.56 -14.48
N LEU B 148 23.15 7.93 -13.51
CA LEU B 148 22.03 8.60 -12.88
C LEU B 148 22.45 9.87 -12.13
N LYS B 149 23.57 9.80 -11.41
CA LYS B 149 24.06 10.99 -10.69
C LYS B 149 24.31 12.15 -11.65
N LYS B 150 25.04 11.89 -12.75
CA LYS B 150 25.35 12.97 -13.70
C LYS B 150 24.09 13.44 -14.40
N TYR B 151 23.17 12.49 -14.71
CA TYR B 151 21.91 12.89 -15.34
C TYR B 151 21.13 13.82 -14.42
N HIS B 152 20.96 13.42 -13.15
CA HIS B 152 20.20 14.26 -12.24
C HIS B 152 20.84 15.65 -12.14
N GLN B 153 22.17 15.69 -11.98
CA GLN B 153 22.84 16.99 -11.90
C GLN B 153 22.62 17.81 -13.18
N TYR B 154 22.56 17.15 -14.33
CA TYR B 154 22.34 17.87 -15.59
C TYR B 154 20.92 18.46 -15.64
N ILE B 155 19.90 17.64 -15.24
CA ILE B 155 18.53 18.12 -15.18
C ILE B 155 18.37 19.27 -14.21
N VAL B 156 19.06 19.23 -13.06
CA VAL B 156 19.13 20.40 -12.16
C VAL B 156 19.70 21.62 -12.89
N GLU B 157 20.84 21.47 -13.57
CA GLU B 157 21.48 22.62 -14.19
C GLU B 157 20.67 23.23 -15.34
N CYS B 158 19.92 22.43 -16.08
CA CYS B 158 19.12 22.94 -17.18
C CYS B 158 17.67 23.21 -16.78
N HIS B 159 17.35 23.07 -15.49
CA HIS B 159 16.00 23.28 -14.96
C HIS B 159 14.97 22.41 -15.66
N GLY B 160 15.34 21.18 -15.98
CA GLY B 160 14.41 20.25 -16.62
C GLY B 160 14.14 20.53 -18.08
N ILE B 161 14.75 21.56 -18.68
CA ILE B 161 14.55 21.89 -20.09
C ILE B 161 15.60 21.15 -20.91
N THR B 162 15.19 20.07 -21.58
CA THR B 162 16.16 19.24 -22.29
C THR B 162 15.46 18.50 -23.41
N LEU B 163 16.25 18.11 -24.42
CA LEU B 163 15.78 17.20 -25.45
C LEU B 163 16.03 15.73 -25.12
N LEU B 164 16.76 15.41 -24.06
CA LEU B 164 16.92 14.03 -23.58
C LEU B 164 15.60 13.47 -23.12
N PRO B 165 15.49 12.13 -23.04
CA PRO B 165 14.32 11.49 -22.38
C PRO B 165 14.24 11.97 -20.96
N GLN B 166 13.03 12.19 -20.52
CA GLN B 166 12.75 12.59 -19.15
C GLN B 166 12.36 11.33 -18.39
N PHE B 167 13.34 10.77 -17.63
CA PHE B 167 13.13 9.53 -16.89
C PHE B 167 12.35 9.77 -15.60
N LEU B 168 11.26 8.99 -15.44
CA LEU B 168 10.31 9.22 -14.38
C LEU B 168 10.21 8.06 -13.43
N GLY B 169 10.74 6.90 -13.77
CA GLY B 169 10.62 5.74 -12.86
C GLY B 169 11.30 4.57 -13.52
N MET B 170 11.89 3.67 -12.74
CA MET B 170 12.59 2.51 -13.31
C MET B 170 12.30 1.31 -12.41
N TYR B 171 11.72 0.21 -12.97
CA TYR B 171 11.26 -0.89 -12.14
C TYR B 171 11.70 -2.25 -12.70
N ARG B 172 11.64 -3.25 -11.82
CA ARG B 172 11.78 -4.64 -12.21
C ARG B 172 10.50 -5.35 -11.83
N LEU B 173 9.93 -6.11 -12.76
CA LEU B 173 8.66 -6.81 -12.53
C LEU B 173 8.87 -8.30 -12.61
N ASN B 174 8.24 -9.06 -11.70
CA ASN B 174 8.34 -10.51 -11.74
C ASN B 174 6.96 -11.12 -11.62
N VAL B 175 6.65 -12.09 -12.48
CA VAL B 175 5.45 -12.91 -12.24
C VAL B 175 5.84 -14.34 -12.50
N ASP B 176 6.19 -15.04 -11.42
CA ASP B 176 6.35 -16.49 -11.20
C ASP B 176 7.23 -17.25 -12.19
N GLY B 177 7.44 -16.74 -13.40
CA GLY B 177 8.41 -17.37 -14.28
C GLY B 177 9.00 -16.38 -15.26
N VAL B 178 8.62 -15.12 -15.14
CA VAL B 178 9.03 -14.08 -16.07
C VAL B 178 9.55 -12.87 -15.28
N GLU B 179 10.67 -12.32 -15.72
CA GLU B 179 11.26 -11.14 -15.10
C GLU B 179 11.57 -10.13 -16.19
N ILE B 180 11.08 -8.89 -16.05
CA ILE B 180 11.37 -7.85 -17.01
C ILE B 180 11.73 -6.55 -16.30
N TYR B 181 12.47 -5.70 -17.00
CA TYR B 181 12.80 -4.36 -16.54
C TYR B 181 12.15 -3.32 -17.41
N VAL B 182 11.66 -2.26 -16.78
CA VAL B 182 11.03 -1.19 -17.54
C VAL B 182 11.54 0.16 -17.06
N ILE B 183 11.48 1.13 -17.96
CA ILE B 183 11.73 2.51 -17.59
C ILE B 183 10.56 3.35 -18.09
N VAL B 184 10.15 4.34 -17.30
CA VAL B 184 9.01 5.19 -17.67
C VAL B 184 9.52 6.55 -18.09
N THR B 185 9.09 7.03 -19.27
CA THR B 185 9.52 8.37 -19.70
C THR B 185 8.30 9.19 -20.07
N ARG B 186 8.56 10.49 -20.19
CA ARG B 186 7.55 11.33 -20.82
C ARG B 186 7.41 10.99 -22.31
N ASN B 187 6.16 10.98 -22.80
CA ASN B 187 5.94 10.80 -24.24
C ASN B 187 6.59 11.95 -25.03
N VAL B 188 7.43 11.61 -26.01
CA VAL B 188 7.95 12.68 -26.90
C VAL B 188 6.84 13.27 -27.75
N PHE B 189 5.86 12.45 -28.13
CA PHE B 189 4.75 12.90 -28.94
C PHE B 189 3.65 13.51 -28.07
N SER B 190 2.66 14.10 -28.74
CA SER B 190 1.62 14.84 -28.07
C SER B 190 0.65 13.91 -27.40
N HIS B 191 0.10 14.35 -26.27
CA HIS B 191 -0.94 13.51 -25.68
C HIS B 191 -2.29 13.69 -26.36
N ARG B 192 -2.42 14.66 -27.27
CA ARG B 192 -3.67 14.87 -27.99
C ARG B 192 -3.53 14.86 -29.52
N LEU B 193 -2.52 15.56 -30.04
CA LEU B 193 -2.34 15.74 -31.49
C LEU B 193 -1.73 14.50 -32.16
N SER B 194 -2.34 14.07 -33.26
CA SER B 194 -1.90 12.86 -33.93
C SER B 194 -0.57 13.08 -34.65
N VAL B 195 0.19 12.00 -34.80
CA VAL B 195 1.42 11.99 -35.58
C VAL B 195 1.11 11.24 -36.87
N TYR B 196 1.30 11.89 -38.02
CA TYR B 196 1.06 11.26 -39.31
C TYR B 196 2.33 10.74 -39.97
N ARG B 197 3.50 11.13 -39.46
CA ARG B 197 4.76 10.66 -39.99
C ARG B 197 5.77 10.65 -38.87
N LYS B 198 6.59 9.62 -38.80
CA LYS B 198 7.61 9.62 -37.76
C LYS B 198 8.93 9.09 -38.30
N TYR B 199 10.03 9.65 -37.77
CA TYR B 199 11.37 9.26 -38.17
C TYR B 199 12.27 9.00 -36.96
N ASP B 200 13.29 8.15 -37.18
CA ASP B 200 14.34 7.86 -36.21
C ASP B 200 15.68 8.11 -36.91
N LEU B 201 16.38 9.16 -36.50
CA LEU B 201 17.54 9.70 -37.23
C LEU B 201 18.83 9.53 -36.44
N LYS B 202 19.87 9.05 -37.12
CA LYS B 202 21.17 8.86 -36.49
C LYS B 202 22.30 9.66 -37.12
N GLY B 203 22.16 10.11 -38.36
CA GLY B 203 23.32 10.69 -39.01
C GLY B 203 24.12 9.54 -39.58
N SER B 204 23.50 8.85 -40.53
CA SER B 204 23.78 7.45 -40.79
C SER B 204 25.24 7.10 -41.08
N THR B 205 25.80 7.58 -42.19
CA THR B 205 27.16 7.25 -42.67
C THR B 205 27.23 5.79 -43.09
N VAL B 206 26.18 5.05 -42.76
CA VAL B 206 25.89 3.68 -43.16
C VAL B 206 24.46 3.78 -43.66
N ALA B 207 23.77 2.67 -43.84
CA ALA B 207 22.45 2.73 -44.47
C ALA B 207 21.34 2.39 -43.46
N ARG B 208 20.46 3.36 -43.23
CA ARG B 208 19.32 3.24 -42.34
C ARG B 208 18.07 3.40 -43.18
N GLU B 209 17.17 2.40 -43.20
CA GLU B 209 16.08 2.54 -44.15
C GLU B 209 14.96 1.70 -43.55
N ALA B 210 13.74 2.19 -43.45
CA ALA B 210 12.69 1.30 -42.96
C ALA B 210 12.56 0.09 -43.90
N SER B 211 12.43 -1.09 -43.29
CA SER B 211 12.12 -2.34 -43.98
C SER B 211 10.80 -2.24 -44.74
N ASP B 212 10.61 -3.14 -45.71
CA ASP B 212 9.29 -3.17 -46.33
C ASP B 212 8.21 -3.72 -45.40
N LYS B 213 8.56 -4.55 -44.42
CA LYS B 213 7.58 -4.95 -43.43
C LYS B 213 7.17 -3.78 -42.55
N GLU B 214 8.14 -3.11 -41.95
CA GLU B 214 7.83 -1.93 -41.15
C GLU B 214 7.05 -0.94 -41.96
N LYS B 215 7.31 -0.93 -43.25
CA LYS B 215 6.87 0.17 -44.04
C LYS B 215 5.45 -0.04 -44.57
N ALA B 216 4.90 -1.23 -44.33
CA ALA B 216 3.52 -1.60 -44.55
C ALA B 216 2.59 -1.24 -43.39
N LYS B 217 3.09 -1.02 -42.17
CA LYS B 217 2.19 -0.58 -41.10
C LYS B 217 1.65 0.81 -41.43
N GLU B 218 0.59 1.22 -40.75
CA GLU B 218 0.21 2.62 -40.88
C GLU B 218 0.72 3.56 -39.80
N LEU B 219 1.74 3.21 -39.06
CA LEU B 219 2.63 4.29 -38.67
C LEU B 219 4.04 3.71 -38.58
N PRO B 220 4.75 3.67 -39.69
CA PRO B 220 6.11 3.14 -39.68
C PRO B 220 7.07 4.15 -39.10
N THR B 221 8.19 3.63 -38.60
CA THR B 221 9.31 4.43 -38.16
C THR B 221 10.27 4.42 -39.33
N LEU B 222 10.33 5.55 -40.02
CA LEU B 222 11.24 5.73 -41.12
C LEU B 222 12.60 6.14 -40.57
N LYS B 223 13.63 6.02 -41.40
CA LYS B 223 14.99 6.27 -40.95
C LYS B 223 15.66 7.31 -41.87
N ASP B 224 16.97 7.47 -41.66
CA ASP B 224 17.74 8.51 -42.36
C ASP B 224 17.47 8.55 -43.86
N ASN B 225 17.68 7.43 -44.55
CA ASN B 225 17.56 7.48 -46.00
C ASN B 225 16.13 7.69 -46.48
N ASP B 226 15.13 7.31 -45.66
CA ASP B 226 13.76 7.64 -46.02
C ASP B 226 13.51 9.14 -45.89
N PHE B 227 14.07 9.75 -44.85
CA PHE B 227 13.96 11.20 -44.69
C PHE B 227 14.60 11.94 -45.87
N ILE B 228 15.85 11.57 -46.19
CA ILE B 228 16.57 12.18 -47.32
C ILE B 228 15.84 11.90 -48.62
N ASN B 229 15.60 10.60 -48.89
CA ASN B 229 15.04 10.19 -50.16
C ASN B 229 13.68 10.78 -50.40
N GLU B 230 12.90 11.02 -49.35
CA GLU B 230 11.52 11.41 -49.54
C GLU B 230 11.36 12.92 -49.48
N GLY B 231 12.47 13.65 -49.36
CA GLY B 231 12.42 15.10 -49.42
C GLY B 231 11.77 15.74 -48.24
N GLN B 232 11.85 15.10 -47.07
CA GLN B 232 11.23 15.68 -45.89
C GLN B 232 11.94 16.98 -45.56
N LYS B 233 11.16 18.04 -45.42
CA LYS B 233 11.75 19.25 -44.91
C LYS B 233 10.96 19.71 -43.71
N ILE B 234 11.69 20.22 -42.73
CA ILE B 234 11.14 20.69 -41.48
C ILE B 234 11.33 22.20 -41.45
N TYR B 235 10.23 22.93 -41.25
CA TYR B 235 10.18 24.38 -41.37
C TYR B 235 9.87 24.99 -40.02
N ILE B 236 10.90 25.42 -39.29
CA ILE B 236 10.73 26.13 -38.02
C ILE B 236 11.48 27.46 -38.08
N ASP B 237 10.99 28.44 -37.32
CA ASP B 237 11.54 29.79 -37.48
C ASP B 237 12.96 29.86 -36.88
N ASP B 238 13.66 30.97 -37.16
CA ASP B 238 15.07 31.05 -36.75
C ASP B 238 15.22 31.01 -35.23
N ASN B 239 14.39 31.74 -34.49
CA ASN B 239 14.53 31.69 -33.04
C ASN B 239 14.29 30.29 -32.51
N ASN B 240 13.23 29.63 -32.99
CA ASN B 240 12.95 28.27 -32.51
C ASN B 240 14.09 27.33 -32.88
N LYS B 241 14.66 27.50 -34.07
CA LYS B 241 15.77 26.64 -34.49
C LYS B 241 17.01 26.90 -33.64
N LYS B 242 17.30 28.16 -33.37
CA LYS B 242 18.45 28.49 -32.54
C LYS B 242 18.29 27.86 -31.15
N VAL B 243 17.10 28.00 -30.55
CA VAL B 243 16.88 27.42 -29.22
C VAL B 243 17.05 25.92 -29.25
N PHE B 244 16.48 25.26 -30.26
CA PHE B 244 16.55 23.82 -30.36
C PHE B 244 17.98 23.32 -30.55
N LEU B 245 18.72 23.94 -31.47
CA LEU B 245 20.05 23.42 -31.77
C LEU B 245 21.04 23.68 -30.65
N GLU B 246 20.90 24.79 -29.91
CA GLU B 246 21.72 25.05 -28.73
C GLU B 246 21.47 23.97 -27.66
N LYS B 247 20.19 23.66 -27.42
CA LYS B 247 19.81 22.61 -26.48
C LYS B 247 20.39 21.26 -26.94
N LEU B 248 20.20 20.96 -28.23
CA LEU B 248 20.68 19.70 -28.80
C LEU B 248 22.20 19.59 -28.65
N LYS B 249 22.92 20.69 -28.86
CA LYS B 249 24.38 20.62 -28.69
C LYS B 249 24.75 20.26 -27.24
N LYS B 250 24.16 20.96 -26.25
CA LYS B 250 24.51 20.72 -24.85
C LYS B 250 24.16 19.28 -24.44
N ASP B 251 22.98 18.81 -24.87
CA ASP B 251 22.53 17.45 -24.55
C ASP B 251 23.46 16.39 -25.15
N VAL B 252 23.86 16.58 -26.40
CA VAL B 252 24.69 15.59 -27.08
C VAL B 252 26.09 15.57 -26.48
N GLU B 253 26.62 16.75 -26.12
CA GLU B 253 27.93 16.78 -25.47
C GLU B 253 27.87 16.11 -24.10
N PHE B 254 26.74 16.23 -23.40
CA PHE B 254 26.53 15.48 -22.16
C PHE B 254 26.60 13.96 -22.41
N LEU B 255 25.92 13.48 -23.46
CA LEU B 255 25.99 12.05 -23.79
C LEU B 255 27.40 11.63 -24.17
N ALA B 256 28.11 12.45 -24.99
CA ALA B 256 29.46 12.10 -25.41
C ALA B 256 30.41 11.99 -24.23
N GLN B 257 30.29 12.90 -23.26
CA GLN B 257 31.13 12.82 -22.06
C GLN B 257 30.93 11.52 -21.31
N LEU B 258 29.69 11.01 -21.32
CA LEU B 258 29.35 9.76 -20.66
C LEU B 258 29.73 8.55 -21.48
N LYS B 259 30.34 8.76 -22.64
CA LYS B 259 30.74 7.69 -23.54
C LYS B 259 29.53 6.94 -24.10
N LEU B 260 28.40 7.63 -24.24
CA LEU B 260 27.20 7.01 -24.82
C LEU B 260 27.19 7.29 -26.31
N MET B 261 26.59 6.39 -27.09
CA MET B 261 26.49 6.57 -28.53
C MET B 261 25.30 5.77 -29.04
N ASP B 262 25.08 5.78 -30.36
CA ASP B 262 24.00 5.03 -31.02
C ASP B 262 22.60 5.48 -30.63
N TYR B 263 22.46 6.71 -30.13
CA TYR B 263 21.18 7.32 -29.86
C TYR B 263 20.62 7.94 -31.15
N SER B 264 19.33 8.28 -31.13
CA SER B 264 18.64 8.78 -32.31
C SER B 264 17.91 10.07 -31.96
N LEU B 265 17.60 10.86 -32.99
CA LEU B 265 16.56 11.89 -32.86
C LEU B 265 15.25 11.27 -33.33
N LEU B 266 14.28 11.23 -32.44
CA LEU B 266 12.90 10.83 -32.77
C LEU B 266 12.17 12.07 -33.25
N VAL B 267 11.58 11.99 -34.43
CA VAL B 267 10.90 13.14 -35.02
C VAL B 267 9.48 12.67 -35.33
N GLY B 268 8.49 13.35 -34.76
CA GLY B 268 7.07 13.09 -35.09
C GLY B 268 6.49 14.33 -35.75
N ILE B 269 5.71 14.15 -36.81
CA ILE B 269 5.14 15.30 -37.52
C ILE B 269 3.62 15.21 -37.51
N HIS B 270 2.97 16.23 -36.95
CA HIS B 270 1.52 16.36 -36.96
C HIS B 270 1.11 17.29 -38.12
N ASP B 271 0.16 16.81 -38.90
CA ASP B 271 -0.37 17.51 -40.08
C ASP B 271 -1.64 18.24 -39.68
N VAL B 272 -1.60 19.57 -39.66
CA VAL B 272 -2.69 20.31 -39.05
C VAL B 272 -3.99 20.21 -39.83
N GLU B 273 -3.96 20.40 -41.13
CA GLU B 273 -5.21 20.25 -41.86
C GLU B 273 -5.37 18.98 -42.68
N ARG B 274 -4.52 17.97 -42.44
CA ARG B 274 -4.88 16.60 -42.78
C ARG B 274 -5.47 15.80 -41.60
N ALA B 275 -5.19 16.22 -40.37
CA ALA B 275 -5.84 15.65 -39.20
C ALA B 275 -7.24 16.20 -38.97
N GLU B 276 -7.59 17.32 -39.60
CA GLU B 276 -8.92 17.90 -39.44
C GLU B 276 -9.29 18.76 -40.64
N LEU B 292 -8.73 23.45 -27.17
CA LEU B 292 -7.54 23.83 -27.93
C LEU B 292 -7.86 23.87 -29.42
N ALA B 293 -7.47 24.94 -30.08
CA ALA B 293 -7.73 25.10 -31.50
C ALA B 293 -6.85 24.15 -32.32
N PRO B 294 -7.17 23.99 -33.61
CA PRO B 294 -6.32 23.19 -34.52
C PRO B 294 -4.88 23.73 -34.56
N GLY B 295 -3.90 22.80 -34.51
CA GLY B 295 -2.47 23.11 -34.58
C GLY B 295 -1.93 23.62 -33.27
N GLU B 296 -2.82 23.81 -32.30
CA GLU B 296 -2.69 24.39 -30.96
C GLU B 296 -2.41 23.28 -29.94
N PHE B 297 -1.40 23.53 -29.09
CA PHE B 297 -0.94 22.54 -28.12
C PHE B 297 -0.38 23.23 -26.88
N ASP B 298 -0.45 22.53 -25.74
CA ASP B 298 0.06 23.01 -24.47
C ASP B 298 1.60 22.71 -24.35
N PRO B 299 2.44 23.68 -24.42
CA PRO B 299 3.91 23.38 -24.36
C PRO B 299 4.38 22.91 -22.99
N ASN B 300 3.52 22.96 -21.96
CA ASN B 300 3.82 22.46 -20.63
C ASN B 300 3.46 20.99 -20.44
N ILE B 301 2.68 20.43 -21.35
CA ILE B 301 2.40 19.00 -21.41
C ILE B 301 3.18 18.34 -22.54
N ASP B 302 2.97 18.82 -23.78
CA ASP B 302 3.74 18.37 -24.94
C ASP B 302 5.02 19.21 -25.03
N VAL B 303 5.98 18.86 -24.19
CA VAL B 303 7.13 19.73 -23.98
C VAL B 303 8.11 19.69 -25.14
N TYR B 304 8.01 18.72 -26.04
CA TYR B 304 8.88 18.63 -27.21
C TYR B 304 8.26 19.22 -28.47
N GLY B 305 7.07 19.81 -28.39
CA GLY B 305 6.44 20.36 -29.59
C GLY B 305 7.06 21.68 -30.01
N ILE B 306 7.12 21.88 -31.32
CA ILE B 306 7.58 23.11 -31.94
C ILE B 306 6.65 23.46 -33.09
N LYS B 307 6.14 24.69 -33.09
CA LYS B 307 5.28 25.08 -34.20
C LYS B 307 6.13 25.30 -35.46
N CYS B 308 5.56 24.93 -36.61
CA CYS B 308 6.25 25.25 -37.85
C CYS B 308 6.30 26.76 -38.10
N HIS B 309 7.21 27.15 -38.99
CA HIS B 309 7.29 28.54 -39.45
C HIS B 309 5.94 28.93 -40.06
N GLU B 310 5.48 30.16 -39.77
CA GLU B 310 4.20 30.57 -40.31
C GLU B 310 4.13 30.49 -41.84
N ASN B 311 5.27 30.62 -42.55
CA ASN B 311 5.28 30.60 -44.00
C ASN B 311 5.46 29.21 -44.59
N SER B 312 5.35 28.17 -43.77
CA SER B 312 5.63 26.82 -44.21
C SER B 312 4.62 26.45 -45.29
N PRO B 313 5.01 25.67 -46.32
CA PRO B 313 4.03 25.36 -47.37
C PRO B 313 2.77 24.70 -46.82
N ARG B 314 2.87 23.87 -45.80
CA ARG B 314 1.66 23.49 -45.06
C ARG B 314 1.86 23.44 -43.56
N LYS B 315 0.74 23.58 -42.87
CA LYS B 315 0.77 23.70 -41.42
C LYS B 315 1.07 22.36 -40.75
N GLU B 316 2.15 22.32 -39.97
CA GLU B 316 2.61 21.14 -39.25
C GLU B 316 3.03 21.55 -37.84
N VAL B 317 3.06 20.55 -36.95
CA VAL B 317 3.70 20.67 -35.65
C VAL B 317 4.72 19.54 -35.54
N TYR B 318 5.91 19.88 -35.04
CA TYR B 318 6.99 18.90 -34.90
C TYR B 318 7.22 18.53 -33.43
N PHE B 319 7.52 17.25 -33.19
CA PHE B 319 7.89 16.73 -31.87
C PHE B 319 9.23 16.03 -32.00
N MET B 320 10.26 16.56 -31.34
CA MET B 320 11.62 16.06 -31.59
C MET B 320 12.34 15.87 -30.27
N ALA B 321 13.01 14.73 -30.12
CA ALA B 321 13.73 14.47 -28.87
C ALA B 321 14.81 13.43 -29.14
N ILE B 322 15.79 13.34 -28.26
CA ILE B 322 16.83 12.33 -28.35
C ILE B 322 16.35 11.12 -27.57
N ILE B 323 16.47 9.92 -28.16
CA ILE B 323 16.02 8.69 -27.52
C ILE B 323 17.13 7.65 -27.67
N ASP B 324 16.97 6.56 -26.90
CA ASP B 324 17.85 5.39 -26.96
C ASP B 324 19.29 5.74 -26.60
N ILE B 325 19.46 6.22 -25.36
CA ILE B 325 20.73 6.79 -24.90
C ILE B 325 21.52 5.84 -24.02
N LEU B 326 21.11 4.56 -23.92
CA LEU B 326 21.73 3.75 -22.88
C LEU B 326 22.83 2.81 -23.42
N THR B 327 23.37 3.07 -24.62
CA THR B 327 24.43 2.22 -25.19
C THR B 327 25.79 2.84 -24.93
N HIS B 328 26.62 2.15 -24.14
CA HIS B 328 27.96 2.61 -23.76
C HIS B 328 29.01 2.14 -24.76
N TYR B 329 30.02 2.96 -24.98
CA TYR B 329 31.06 2.68 -25.96
C TYR B 329 31.74 1.32 -25.75
N THR B 352 35.64 2.25 -37.31
CA THR B 352 34.86 2.31 -36.08
C THR B 352 34.39 3.72 -35.78
N VAL B 353 33.38 3.82 -34.91
CA VAL B 353 32.84 5.10 -34.47
C VAL B 353 33.06 5.19 -32.96
N ASN B 354 33.58 6.31 -32.48
CA ASN B 354 33.65 6.57 -31.05
C ASN B 354 32.64 7.63 -30.62
N PRO B 355 32.45 7.82 -29.29
CA PRO B 355 31.38 8.74 -28.84
C PRO B 355 31.53 10.16 -29.35
N GLU B 356 32.76 10.70 -29.43
CA GLU B 356 32.92 12.06 -29.94
C GLU B 356 32.57 12.15 -31.42
N GLN B 357 33.06 11.20 -32.23
CA GLN B 357 32.73 11.17 -33.64
C GLN B 357 31.23 10.99 -33.85
N TYR B 358 30.61 10.09 -33.08
CA TYR B 358 29.16 9.89 -33.21
C TYR B 358 28.43 11.20 -32.97
N SER B 359 28.82 11.93 -31.91
CA SER B 359 28.12 13.16 -31.57
C SER B 359 28.27 14.23 -32.66
N LYS B 360 29.48 14.38 -33.22
CA LYS B 360 29.66 15.41 -34.23
C LYS B 360 28.90 15.04 -35.51
N ARG B 361 28.96 13.78 -35.92
CA ARG B 361 28.19 13.35 -37.10
C ARG B 361 26.70 13.54 -36.90
N PHE B 362 26.19 13.18 -35.71
CA PHE B 362 24.79 13.39 -35.36
C PHE B 362 24.43 14.88 -35.40
N LEU B 363 25.23 15.72 -34.73
CA LEU B 363 24.89 17.14 -34.67
C LEU B 363 24.97 17.77 -36.06
N ASP B 364 25.99 17.41 -36.86
CA ASP B 364 26.08 17.93 -38.22
C ASP B 364 24.83 17.54 -39.02
N PHE B 365 24.40 16.29 -38.89
CA PHE B 365 23.23 15.84 -39.65
C PHE B 365 21.99 16.64 -39.27
N ILE B 366 21.74 16.82 -37.96
CA ILE B 366 20.48 17.48 -37.57
C ILE B 366 20.43 18.95 -37.95
N GLY B 367 21.49 19.72 -37.70
CA GLY B 367 21.48 21.10 -38.18
C GLY B 367 21.28 21.13 -39.67
N HIS B 368 21.77 20.08 -40.29
CA HIS B 368 21.88 19.93 -41.72
C HIS B 368 20.47 19.86 -42.35
N ILE B 369 19.53 19.16 -41.67
CA ILE B 369 18.11 19.12 -42.04
C ILE B 369 17.25 20.12 -41.27
N LEU B 370 17.87 20.93 -40.40
CA LEU B 370 17.22 21.99 -39.61
C LEU B 370 16.40 21.48 -38.41
#